data_4CNG
#
_entry.id   4CNG
#
_cell.length_a   45.803
_cell.length_b   54.097
_cell.length_c   130.637
_cell.angle_alpha   90.00
_cell.angle_beta   90.00
_cell.angle_gamma   90.00
#
_symmetry.space_group_name_H-M   'P 21 2 21'
#
loop_
_entity.id
_entity.type
_entity.pdbx_description
1 polymer 'SPOU RRNA METHYLASE'
2 non-polymer S-ADENOSYL-L-HOMOCYSTEINE
3 non-polymer GLYCEROL
4 water water
#
_entity_poly.entity_id   1
_entity_poly.type   'polypeptide(L)'
_entity_poly.pdbx_seq_one_letter_code
;MGSSHHHHHHSSGLVPRGSHMTIRLVIVEPEGAYNLGFIARLVKNFLIDEFYVVNPKADINEAIKFSAKGSEVIEKMMKI
TNNFDDAIRDVDLKIATSSIADIKGDLLRKSIRPIDLERLIKDKKVAFIFGRESVGLTREEIAKSDFLLFIPANPEYPVL
NLSHAVGIVLYELWRNRDNKVPTVSSEPIKLIDDYSKKITDILVNKEATKSMYLVLKRVLIKGIEDNEEAMTIVRILRKI
YVRLAKKENESDKLL
;
_entity_poly.pdbx_strand_id   A,B
#
# COMPACT_ATOMS: atom_id res chain seq x y z
N MET A 21 1.95 -13.63 -18.00
CA MET A 21 1.54 -13.98 -16.61
C MET A 21 0.04 -13.75 -16.40
N THR A 22 -0.56 -14.59 -15.55
CA THR A 22 -1.90 -14.36 -15.06
C THR A 22 -1.83 -14.37 -13.55
N ILE A 23 -2.46 -13.39 -12.93
CA ILE A 23 -2.34 -13.22 -11.49
C ILE A 23 -3.67 -13.42 -10.81
N ARG A 24 -3.67 -14.32 -9.83
CA ARG A 24 -4.79 -14.50 -8.92
C ARG A 24 -4.41 -13.97 -7.54
N LEU A 25 -5.17 -13.01 -7.05
CA LEU A 25 -5.03 -12.48 -5.72
C LEU A 25 -5.94 -13.29 -4.78
N VAL A 26 -5.36 -13.82 -3.72
CA VAL A 26 -6.10 -14.59 -2.72
C VAL A 26 -5.94 -13.91 -1.36
N ILE A 27 -7.08 -13.54 -0.78
CA ILE A 27 -7.10 -12.91 0.52
C ILE A 27 -7.77 -13.87 1.49
N VAL A 28 -7.06 -14.26 2.53
CA VAL A 28 -7.53 -15.29 3.46
C VAL A 28 -8.20 -14.66 4.68
N GLU A 29 -9.51 -14.91 4.81
CA GLU A 29 -10.31 -14.51 5.96
C GLU A 29 -10.14 -13.04 6.37
N PRO A 30 -10.31 -12.13 5.42
CA PRO A 30 -10.17 -10.72 5.81
C PRO A 30 -11.20 -10.33 6.81
N GLU A 31 -10.78 -9.49 7.75
CA GLU A 31 -11.57 -9.09 8.88
C GLU A 31 -12.14 -7.65 8.72
N GLY A 32 -11.34 -6.75 8.15
CA GLY A 32 -11.73 -5.35 8.04
C GLY A 32 -12.45 -5.03 6.75
N ALA A 33 -13.62 -4.41 6.82
CA ALA A 33 -14.33 -3.98 5.61
C ALA A 33 -13.56 -2.94 4.81
N TYR A 34 -12.84 -2.08 5.51
N TYR A 34 -12.87 -2.07 5.53
CA TYR A 34 -12.03 -1.11 4.80
CA TYR A 34 -11.98 -1.08 4.91
C TYR A 34 -10.92 -1.83 4.03
C TYR A 34 -10.95 -1.84 4.05
N ASN A 35 -10.27 -2.82 4.63
CA ASN A 35 -9.23 -3.53 3.91
C ASN A 35 -9.80 -4.22 2.70
N LEU A 36 -10.93 -4.91 2.85
CA LEU A 36 -11.49 -5.61 1.71
C LEU A 36 -11.85 -4.64 0.58
N GLY A 37 -12.49 -3.53 0.92
CA GLY A 37 -12.81 -2.55 -0.09
C GLY A 37 -11.60 -1.94 -0.76
N PHE A 38 -10.59 -1.61 0.03
CA PHE A 38 -9.37 -1.06 -0.52
C PHE A 38 -8.67 -2.04 -1.42
N ILE A 39 -8.70 -3.33 -1.09
CA ILE A 39 -8.14 -4.33 -1.96
C ILE A 39 -8.92 -4.43 -3.29
N ALA A 40 -10.24 -4.39 -3.22
CA ALA A 40 -11.03 -4.41 -4.44
C ALA A 40 -10.68 -3.24 -5.37
N ARG A 41 -10.48 -2.07 -4.80
CA ARG A 41 -10.05 -0.91 -5.59
C ARG A 41 -8.72 -1.18 -6.27
N LEU A 42 -7.76 -1.73 -5.53
CA LEU A 42 -6.44 -2.04 -6.08
C LEU A 42 -6.51 -3.06 -7.21
N VAL A 43 -7.43 -4.03 -7.10
CA VAL A 43 -7.63 -5.00 -8.16
C VAL A 43 -7.91 -4.31 -9.50
N LYS A 44 -8.75 -3.28 -9.46
CA LYS A 44 -9.01 -2.49 -10.65
C LYS A 44 -7.85 -1.55 -11.01
N ASN A 45 -7.25 -0.89 -10.03
CA ASN A 45 -6.09 -0.03 -10.30
C ASN A 45 -4.95 -0.74 -11.03
N PHE A 46 -4.75 -2.03 -10.74
CA PHE A 46 -3.62 -2.77 -11.24
C PHE A 46 -4.01 -3.99 -12.08
N LEU A 47 -5.26 -4.04 -12.53
CA LEU A 47 -5.73 -5.02 -13.50
C LEU A 47 -5.34 -6.44 -13.12
N ILE A 48 -5.69 -6.84 -11.91
CA ILE A 48 -5.50 -8.21 -11.47
C ILE A 48 -6.53 -9.10 -12.18
N ASP A 49 -6.11 -10.28 -12.61
CA ASP A 49 -6.96 -11.13 -13.44
C ASP A 49 -8.08 -11.85 -12.65
N GLU A 50 -7.76 -12.36 -11.48
CA GLU A 50 -8.68 -13.17 -10.65
C GLU A 50 -8.52 -12.73 -9.21
N PHE A 51 -9.63 -12.74 -8.47
CA PHE A 51 -9.69 -12.21 -7.13
C PHE A 51 -10.56 -13.15 -6.31
N TYR A 52 -9.90 -13.85 -5.38
CA TYR A 52 -10.55 -14.80 -4.48
C TYR A 52 -10.42 -14.36 -3.04
N VAL A 53 -11.48 -14.56 -2.29
N VAL A 53 -11.51 -14.47 -2.30
CA VAL A 53 -11.49 -14.26 -0.88
CA VAL A 53 -11.50 -14.28 -0.87
C VAL A 53 -12.01 -15.52 -0.16
C VAL A 53 -12.01 -15.54 -0.18
N VAL A 54 -11.22 -16.01 0.78
CA VAL A 54 -11.54 -17.21 1.53
C VAL A 54 -12.28 -16.80 2.80
N ASN A 55 -13.50 -17.31 2.96
CA ASN A 55 -14.28 -17.18 4.20
C ASN A 55 -14.17 -15.76 4.81
N PRO A 56 -14.62 -14.73 4.06
CA PRO A 56 -14.49 -13.36 4.55
C PRO A 56 -15.28 -13.15 5.84
N LYS A 57 -14.69 -12.46 6.78
CA LYS A 57 -15.33 -12.03 8.02
C LYS A 57 -15.91 -10.61 7.90
N ALA A 58 -15.24 -9.77 7.11
CA ALA A 58 -15.69 -8.41 6.83
C ALA A 58 -17.08 -8.43 6.24
N ASP A 59 -17.88 -7.41 6.54
CA ASP A 59 -19.20 -7.17 5.94
C ASP A 59 -19.01 -6.65 4.52
N ILE A 60 -19.37 -7.45 3.52
CA ILE A 60 -19.13 -7.11 2.13
C ILE A 60 -19.88 -5.86 1.68
N ASN A 61 -21.08 -5.65 2.24
CA ASN A 61 -21.85 -4.48 1.94
C ASN A 61 -21.11 -3.24 2.37
N GLU A 62 -20.51 -3.28 3.54
CA GLU A 62 -19.71 -2.16 4.05
C GLU A 62 -18.45 -1.96 3.22
N ALA A 63 -17.84 -3.05 2.78
CA ALA A 63 -16.60 -2.98 2.02
C ALA A 63 -16.78 -2.24 0.70
N ILE A 64 -17.94 -2.40 0.09
CA ILE A 64 -18.21 -1.74 -1.18
C ILE A 64 -17.99 -0.23 -1.09
N LYS A 65 -18.26 0.36 0.08
CA LYS A 65 -18.08 1.81 0.27
C LYS A 65 -16.63 2.26 0.13
N PHE A 66 -15.68 1.36 0.41
CA PHE A 66 -14.27 1.72 0.39
C PHE A 66 -13.66 1.34 -0.96
N SER A 67 -14.48 0.80 -1.86
CA SER A 67 -13.95 0.23 -3.09
C SER A 67 -13.89 1.25 -4.24
N ALA A 68 -14.40 2.47 -4.00
CA ALA A 68 -14.54 3.50 -5.03
C ALA A 68 -15.09 2.78 -6.25
N LYS A 69 -14.40 2.90 -7.39
CA LYS A 69 -14.80 2.17 -8.58
C LYS A 69 -14.54 0.66 -8.53
N GLY A 70 -13.86 0.19 -7.48
CA GLY A 70 -13.73 -1.25 -7.19
C GLY A 70 -15.03 -1.92 -6.78
N SER A 71 -16.12 -1.17 -6.71
CA SER A 71 -17.42 -1.73 -6.32
C SER A 71 -17.92 -2.85 -7.27
N GLU A 72 -17.71 -2.71 -8.57
CA GLU A 72 -18.09 -3.77 -9.54
C GLU A 72 -17.24 -5.03 -9.35
N VAL A 73 -16.04 -4.80 -8.86
CA VAL A 73 -15.11 -5.86 -8.53
C VAL A 73 -15.72 -6.78 -7.46
N ILE A 74 -16.24 -6.21 -6.39
CA ILE A 74 -16.84 -6.99 -5.30
C ILE A 74 -18.10 -7.70 -5.75
N GLU A 75 -18.97 -6.96 -6.40
CA GLU A 75 -20.29 -7.47 -6.71
C GLU A 75 -20.26 -8.65 -7.70
N LYS A 76 -19.36 -8.57 -8.68
CA LYS A 76 -19.35 -9.54 -9.76
C LYS A 76 -18.05 -10.34 -9.88
N MET A 77 -16.91 -9.68 -9.82
CA MET A 77 -15.65 -10.35 -10.12
C MET A 77 -15.14 -11.26 -8.99
N MET A 78 -15.23 -10.76 -7.77
CA MET A 78 -14.71 -11.45 -6.61
C MET A 78 -15.35 -12.80 -6.44
N LYS A 79 -14.53 -13.82 -6.23
CA LYS A 79 -15.01 -15.16 -5.95
C LYS A 79 -14.80 -15.47 -4.48
N ILE A 80 -15.83 -15.94 -3.80
CA ILE A 80 -15.73 -16.37 -2.44
C ILE A 80 -15.60 -17.89 -2.41
N THR A 81 -14.70 -18.41 -1.57
N THR A 81 -14.70 -18.39 -1.57
CA THR A 81 -14.63 -19.84 -1.27
CA THR A 81 -14.67 -19.80 -1.24
C THR A 81 -14.63 -20.03 0.22
C THR A 81 -14.66 -20.01 0.24
N ASN A 82 -15.03 -21.21 0.68
CA ASN A 82 -14.95 -21.52 2.09
C ASN A 82 -13.60 -21.96 2.57
N ASN A 83 -12.79 -22.49 1.67
CA ASN A 83 -11.54 -23.13 2.11
C ASN A 83 -10.38 -22.64 1.30
N PHE A 84 -9.26 -22.58 1.99
CA PHE A 84 -8.02 -22.20 1.38
C PHE A 84 -7.66 -22.99 0.13
N ASP A 85 -7.80 -24.31 0.23
CA ASP A 85 -7.42 -25.18 -0.86
C ASP A 85 -8.16 -24.83 -2.13
N ASP A 86 -9.43 -24.48 -2.03
CA ASP A 86 -10.21 -24.18 -3.25
C ASP A 86 -9.82 -22.88 -3.98
N ALA A 87 -9.17 -22.01 -3.23
CA ALA A 87 -8.70 -20.74 -3.76
C ALA A 87 -7.37 -20.82 -4.49
N ILE A 88 -6.60 -21.90 -4.28
CA ILE A 88 -5.26 -21.99 -4.83
C ILE A 88 -5.17 -23.16 -5.84
N ARG A 89 -6.31 -23.70 -6.26
CA ARG A 89 -6.39 -24.69 -7.34
C ARG A 89 -6.04 -24.14 -8.71
N ASP A 90 -5.49 -25.00 -9.56
CA ASP A 90 -5.35 -24.71 -10.97
C ASP A 90 -4.46 -23.49 -11.24
N VAL A 91 -3.43 -23.29 -10.41
CA VAL A 91 -2.38 -22.30 -10.67
C VAL A 91 -1.02 -23.01 -10.75
N ASP A 92 -0.06 -22.34 -11.38
CA ASP A 92 1.27 -22.89 -11.55
C ASP A 92 2.13 -22.73 -10.28
N LEU A 93 1.89 -21.65 -9.52
CA LEU A 93 2.75 -21.29 -8.42
C LEU A 93 1.93 -20.56 -7.38
N LYS A 94 2.23 -20.84 -6.11
CA LYS A 94 1.58 -20.22 -4.97
C LYS A 94 2.60 -19.43 -4.16
N ILE A 95 2.42 -18.11 -4.09
CA ILE A 95 3.32 -17.25 -3.38
C ILE A 95 2.58 -16.68 -2.19
N ALA A 96 2.88 -17.19 -1.01
CA ALA A 96 2.37 -16.66 0.26
C ALA A 96 3.20 -15.42 0.64
N THR A 97 2.70 -14.68 1.62
CA THR A 97 3.36 -13.44 2.11
C THR A 97 3.40 -13.51 3.62
N SER A 98 4.45 -12.90 4.19
CA SER A 98 4.56 -12.75 5.65
C SER A 98 5.47 -11.56 5.95
N SER A 99 5.17 -10.89 7.05
CA SER A 99 5.99 -9.86 7.61
C SER A 99 7.20 -10.32 8.41
N ILE A 100 7.45 -11.62 8.50
CA ILE A 100 8.68 -12.04 9.19
C ILE A 100 9.97 -11.63 8.46
N ALA A 101 10.70 -10.71 9.06
CA ALA A 101 11.84 -10.00 8.44
C ALA A 101 13.13 -10.79 8.46
N ASP A 102 13.25 -11.75 9.36
CA ASP A 102 14.46 -12.54 9.47
C ASP A 102 14.14 -14.01 9.71
N ILE A 103 13.65 -14.65 8.67
CA ILE A 103 13.26 -16.03 8.71
C ILE A 103 14.45 -16.95 9.04
N LYS A 104 14.23 -17.93 9.89
CA LYS A 104 15.25 -18.92 10.22
C LYS A 104 14.74 -20.32 9.91
N GLY A 105 15.66 -21.26 9.75
CA GLY A 105 15.32 -22.67 9.69
C GLY A 105 14.81 -23.07 8.33
N ASP A 106 13.93 -24.05 8.28
CA ASP A 106 13.52 -24.63 7.02
C ASP A 106 12.80 -23.65 6.10
N LEU A 107 12.03 -22.72 6.68
CA LEU A 107 11.26 -21.75 5.88
C LEU A 107 12.16 -20.81 5.09
N LEU A 108 13.42 -20.66 5.49
CA LEU A 108 14.39 -19.92 4.68
C LEU A 108 14.42 -20.45 3.23
N ARG A 109 14.23 -21.75 3.03
CA ARG A 109 14.36 -22.33 1.71
C ARG A 109 13.28 -21.81 0.76
N LYS A 110 12.16 -21.33 1.32
CA LYS A 110 11.03 -20.73 0.57
C LYS A 110 11.04 -19.23 0.47
N SER A 111 11.93 -18.58 1.19
N SER A 111 11.92 -18.57 1.23
CA SER A 111 11.84 -17.15 1.35
CA SER A 111 11.84 -17.11 1.42
C SER A 111 12.31 -16.40 0.10
C SER A 111 12.32 -16.37 0.15
N ILE A 112 11.53 -15.40 -0.30
CA ILE A 112 11.88 -14.57 -1.44
C ILE A 112 11.54 -13.10 -1.18
N ARG A 113 12.18 -12.28 -2.02
N ARG A 113 12.18 -12.28 -2.00
CA ARG A 113 11.90 -10.85 -2.04
CA ARG A 113 11.89 -10.84 -2.02
C ARG A 113 11.31 -10.41 -3.37
C ARG A 113 11.30 -10.42 -3.36
N PRO A 114 10.84 -9.17 -3.43
CA PRO A 114 10.12 -8.76 -4.64
C PRO A 114 11.03 -8.81 -5.87
N ILE A 115 12.31 -8.54 -5.69
CA ILE A 115 13.27 -8.56 -6.78
C ILE A 115 13.30 -9.92 -7.48
N ASP A 116 12.88 -10.95 -6.76
CA ASP A 116 12.86 -12.28 -7.30
C ASP A 116 11.59 -12.59 -8.14
N LEU A 117 10.58 -11.75 -8.04
CA LEU A 117 9.29 -12.08 -8.63
C LEU A 117 9.30 -12.23 -10.13
N GLU A 118 9.93 -11.30 -10.82
CA GLU A 118 9.86 -11.28 -12.29
C GLU A 118 10.27 -12.63 -12.87
N ARG A 119 11.39 -13.19 -12.38
CA ARG A 119 11.93 -14.43 -12.90
C ARG A 119 11.04 -15.62 -12.52
N LEU A 120 10.44 -15.54 -11.34
CA LEU A 120 9.66 -16.66 -10.85
C LEU A 120 8.29 -16.79 -11.53
N ILE A 121 7.66 -15.66 -11.84
CA ILE A 121 6.29 -15.67 -12.33
C ILE A 121 6.13 -15.62 -13.85
N LYS A 122 7.24 -15.47 -14.57
CA LYS A 122 7.22 -15.45 -16.03
C LYS A 122 6.48 -16.65 -16.60
N ASP A 123 5.58 -16.32 -17.56
CA ASP A 123 4.81 -17.34 -18.29
C ASP A 123 4.04 -18.28 -17.40
N LYS A 124 3.55 -17.77 -16.25
CA LYS A 124 2.83 -18.63 -15.33
C LYS A 124 1.57 -17.97 -14.82
N LYS A 125 0.65 -18.82 -14.38
CA LYS A 125 -0.48 -18.42 -13.54
C LYS A 125 -0.08 -18.54 -12.07
N VAL A 126 -0.12 -17.42 -11.36
CA VAL A 126 0.39 -17.37 -10.02
C VAL A 126 -0.63 -16.81 -9.06
N ALA A 127 -0.79 -17.49 -7.92
CA ALA A 127 -1.60 -16.97 -6.82
C ALA A 127 -0.69 -16.27 -5.83
N PHE A 128 -1.06 -15.03 -5.49
CA PHE A 128 -0.43 -14.26 -4.43
C PHE A 128 -1.38 -14.26 -3.25
N ILE A 129 -0.91 -14.76 -2.11
CA ILE A 129 -1.77 -15.12 -1.00
C ILE A 129 -1.39 -14.24 0.19
N PHE A 130 -2.40 -13.55 0.76
CA PHE A 130 -2.25 -12.65 1.90
C PHE A 130 -3.12 -13.13 3.02
N GLY A 131 -2.62 -12.93 4.22
CA GLY A 131 -3.27 -13.41 5.42
C GLY A 131 -4.08 -12.39 6.20
N ARG A 132 -4.51 -12.87 7.36
CA ARG A 132 -5.46 -12.18 8.23
C ARG A 132 -4.79 -11.02 8.94
N GLU A 133 -5.53 -9.94 9.14
CA GLU A 133 -4.98 -8.81 9.85
C GLU A 133 -4.51 -9.25 11.24
N SER A 134 -5.30 -10.09 11.91
CA SER A 134 -5.00 -10.48 13.28
C SER A 134 -3.77 -11.38 13.39
N VAL A 135 -3.76 -12.46 12.60
CA VAL A 135 -2.79 -13.54 12.83
C VAL A 135 -2.08 -14.00 11.55
N GLY A 136 -2.26 -13.30 10.44
CA GLY A 136 -1.55 -13.66 9.22
C GLY A 136 -2.01 -14.99 8.65
N LEU A 137 -1.08 -15.75 8.11
CA LEU A 137 -1.29 -17.05 7.51
C LEU A 137 -0.85 -18.10 8.52
N THR A 138 -1.50 -19.25 8.50
CA THR A 138 -1.06 -20.32 9.39
C THR A 138 0.19 -21.00 8.82
N ARG A 139 0.79 -21.79 9.74
CA ARG A 139 1.99 -22.47 9.31
C ARG A 139 1.67 -23.45 8.19
N GLU A 140 0.48 -24.10 8.27
CA GLU A 140 0.07 -25.05 7.24
C GLU A 140 -0.31 -24.37 5.91
N GLU A 141 -0.92 -23.18 5.93
CA GLU A 141 -1.16 -22.43 4.72
C GLU A 141 0.16 -22.12 4.01
N ILE A 142 1.19 -21.76 4.77
CA ILE A 142 2.50 -21.51 4.21
C ILE A 142 3.12 -22.80 3.70
N ALA A 143 2.91 -23.93 4.38
CA ALA A 143 3.39 -25.22 3.90
C ALA A 143 2.81 -25.61 2.57
N LYS A 144 1.57 -25.21 2.30
CA LYS A 144 0.87 -25.48 1.05
C LYS A 144 1.26 -24.53 -0.06
N SER A 145 2.14 -23.55 0.23
CA SER A 145 2.58 -22.55 -0.73
C SER A 145 3.99 -22.90 -1.21
N ASP A 146 4.36 -22.40 -2.38
CA ASP A 146 5.69 -22.64 -2.96
C ASP A 146 6.76 -21.69 -2.44
N PHE A 147 6.40 -20.43 -2.23
CA PHE A 147 7.32 -19.41 -1.80
C PHE A 147 6.67 -18.54 -0.72
N LEU A 148 7.49 -17.86 0.06
CA LEU A 148 7.04 -16.96 1.10
C LEU A 148 7.75 -15.61 0.88
N LEU A 149 6.96 -14.64 0.45
CA LEU A 149 7.46 -13.30 0.09
C LEU A 149 7.38 -12.37 1.28
N PHE A 150 8.52 -11.76 1.57
CA PHE A 150 8.65 -10.63 2.50
C PHE A 150 8.81 -9.33 1.72
N ILE A 151 8.01 -8.33 2.05
CA ILE A 151 8.20 -6.99 1.51
C ILE A 151 9.11 -6.24 2.46
N PRO A 152 10.28 -5.79 1.93
CA PRO A 152 11.21 -5.11 2.81
C PRO A 152 10.63 -3.85 3.46
N ALA A 153 10.90 -3.71 4.75
CA ALA A 153 10.39 -2.60 5.53
C ALA A 153 11.21 -2.58 6.82
N ASN A 154 10.98 -1.55 7.63
CA ASN A 154 11.70 -1.36 8.89
C ASN A 154 11.80 -2.68 9.64
N PRO A 155 13.03 -3.16 9.91
CA PRO A 155 13.12 -4.47 10.55
C PRO A 155 12.57 -4.46 11.98
N GLU A 156 12.50 -3.29 12.59
CA GLU A 156 11.91 -3.14 13.92
C GLU A 156 10.37 -3.09 13.89
N TYR A 157 9.81 -2.75 12.72
CA TYR A 157 8.35 -2.73 12.56
C TYR A 157 7.98 -2.94 11.10
N PRO A 158 8.05 -4.19 10.65
CA PRO A 158 7.86 -4.51 9.26
C PRO A 158 6.43 -4.84 8.87
N VAL A 159 5.52 -4.80 9.83
CA VAL A 159 4.19 -5.32 9.65
C VAL A 159 3.33 -4.24 9.03
N LEU A 160 3.04 -4.43 7.75
CA LEU A 160 2.19 -3.53 6.99
C LEU A 160 0.72 -3.87 7.22
N ASN A 161 -0.15 -2.88 7.20
CA ASN A 161 -1.56 -3.14 7.06
C ASN A 161 -1.79 -3.97 5.78
N LEU A 162 -2.70 -4.95 5.89
CA LEU A 162 -3.00 -5.89 4.82
C LEU A 162 -3.17 -5.24 3.44
N SER A 163 -4.04 -4.25 3.33
CA SER A 163 -4.29 -3.69 2.02
C SER A 163 -3.11 -2.92 1.44
N HIS A 164 -2.26 -2.38 2.31
CA HIS A 164 -1.04 -1.70 1.87
C HIS A 164 0.01 -2.66 1.38
N ALA A 165 0.11 -3.84 2.04
CA ALA A 165 0.94 -4.90 1.52
C ALA A 165 0.46 -5.35 0.13
N VAL A 166 -0.84 -5.51 -0.02
CA VAL A 166 -1.40 -5.92 -1.31
C VAL A 166 -1.04 -4.82 -2.36
N GLY A 167 -1.23 -3.54 -2.03
CA GLY A 167 -0.95 -2.47 -3.00
C GLY A 167 0.49 -2.46 -3.45
N ILE A 168 1.43 -2.67 -2.54
CA ILE A 168 2.84 -2.68 -2.89
C ILE A 168 3.14 -3.83 -3.83
N VAL A 169 2.63 -5.05 -3.53
CA VAL A 169 2.88 -6.18 -4.39
C VAL A 169 2.27 -5.95 -5.78
N LEU A 170 1.05 -5.47 -5.84
CA LEU A 170 0.38 -5.28 -7.12
C LEU A 170 1.11 -4.21 -7.97
N TYR A 171 1.61 -3.15 -7.33
CA TYR A 171 2.45 -2.15 -7.97
C TYR A 171 3.75 -2.79 -8.53
N GLU A 172 4.39 -3.65 -7.76
CA GLU A 172 5.58 -4.34 -8.24
C GLU A 172 5.24 -5.16 -9.49
N LEU A 173 4.11 -5.85 -9.47
CA LEU A 173 3.69 -6.67 -10.62
C LEU A 173 3.38 -5.81 -11.83
N TRP A 174 2.72 -4.68 -11.63
CA TRP A 174 2.40 -3.74 -12.71
C TRP A 174 3.66 -3.27 -13.42
N ARG A 175 4.63 -2.82 -12.64
CA ARG A 175 5.91 -2.38 -13.19
C ARG A 175 6.37 -3.35 -14.27
N ASN A 176 6.24 -4.63 -13.96
CA ASN A 176 6.85 -5.69 -14.75
C ASN A 176 6.05 -6.04 -16.01
N MET B 21 20.54 13.03 3.29
CA MET B 21 19.20 12.69 2.71
C MET B 21 18.14 12.47 3.78
N THR B 22 17.07 13.25 3.67
CA THR B 22 16.02 13.31 4.67
C THR B 22 14.73 13.44 3.87
N ILE B 23 13.72 12.71 4.28
CA ILE B 23 12.44 12.74 3.61
C ILE B 23 11.36 13.26 4.54
N ARG B 24 10.64 14.26 4.06
CA ARG B 24 9.47 14.80 4.71
C ARG B 24 8.22 14.43 3.92
N LEU B 25 7.27 13.81 4.60
CA LEU B 25 5.98 13.51 4.02
C LEU B 25 5.01 14.61 4.41
N VAL B 26 4.35 15.20 3.42
CA VAL B 26 3.36 16.26 3.62
C VAL B 26 2.01 15.78 3.09
N ILE B 27 1.00 15.72 3.95
CA ILE B 27 -0.33 15.33 3.58
C ILE B 27 -1.25 16.53 3.72
N VAL B 28 -1.90 16.93 2.63
CA VAL B 28 -2.68 18.17 2.59
C VAL B 28 -4.15 17.90 2.83
N GLU B 29 -4.68 18.46 3.92
CA GLU B 29 -6.09 18.45 4.30
C GLU B 29 -6.73 17.06 4.13
N PRO B 30 -6.14 16.01 4.75
CA PRO B 30 -6.74 14.68 4.66
C PRO B 30 -8.12 14.67 5.33
N GLU B 31 -9.02 13.91 4.71
CA GLU B 31 -10.39 13.82 5.09
C GLU B 31 -10.74 12.56 5.87
N GLY B 32 -10.10 11.46 5.54
CA GLY B 32 -10.45 10.16 6.11
C GLY B 32 -9.57 9.80 7.29
N ALA B 33 -10.17 9.54 8.45
CA ALA B 33 -9.42 9.15 9.62
C ALA B 33 -8.63 7.86 9.37
N TYR B 34 -9.22 6.94 8.63
CA TYR B 34 -8.55 5.69 8.29
C TYR B 34 -7.29 6.00 7.50
N ASN B 35 -7.38 6.90 6.51
CA ASN B 35 -6.22 7.24 5.72
C ASN B 35 -5.12 7.87 6.54
N LEU B 36 -5.48 8.77 7.45
CA LEU B 36 -4.48 9.41 8.24
C LEU B 36 -3.78 8.38 9.14
N GLY B 37 -4.53 7.51 9.78
CA GLY B 37 -3.92 6.47 10.62
C GLY B 37 -3.07 5.50 9.80
N PHE B 38 -3.56 5.08 8.64
CA PHE B 38 -2.77 4.20 7.79
C PHE B 38 -1.46 4.86 7.36
N ILE B 39 -1.48 6.16 7.09
CA ILE B 39 -0.28 6.87 6.70
C ILE B 39 0.70 6.92 7.87
N ALA B 40 0.21 7.19 9.08
CA ALA B 40 1.08 7.20 10.24
C ALA B 40 1.79 5.86 10.43
N ARG B 41 1.05 4.75 10.25
CA ARG B 41 1.63 3.45 10.31
C ARG B 41 2.77 3.31 9.32
N LEU B 42 2.52 3.72 8.07
CA LEU B 42 3.52 3.63 7.01
C LEU B 42 4.79 4.47 7.32
N VAL B 43 4.63 5.62 7.97
CA VAL B 43 5.78 6.43 8.36
C VAL B 43 6.73 5.63 9.21
N LYS B 44 6.17 4.81 10.13
CA LYS B 44 7.00 3.94 10.96
C LYS B 44 7.51 2.74 10.16
N ASN B 45 6.67 2.13 9.34
CA ASN B 45 7.08 0.99 8.52
C ASN B 45 8.26 1.32 7.62
N PHE B 46 8.38 2.57 7.16
CA PHE B 46 9.37 2.95 6.18
C PHE B 46 10.32 4.06 6.68
N LEU B 47 10.33 4.29 7.97
CA LEU B 47 11.28 5.20 8.63
C LEU B 47 11.39 6.54 7.92
N ILE B 48 10.24 7.18 7.69
CA ILE B 48 10.22 8.51 7.13
C ILE B 48 10.65 9.46 8.24
N ASP B 49 11.46 10.47 7.89
CA ASP B 49 12.08 11.32 8.89
C ASP B 49 11.16 12.38 9.49
N GLU B 50 10.30 12.96 8.65
CA GLU B 50 9.43 14.07 9.04
C GLU B 50 8.06 13.86 8.46
N PHE B 51 7.04 14.32 9.15
CA PHE B 51 5.65 14.05 8.79
C PHE B 51 4.83 15.29 9.19
N TYR B 52 4.26 15.92 8.17
CA TYR B 52 3.47 17.14 8.31
C TYR B 52 2.07 16.91 7.72
N VAL B 53 1.06 17.45 8.40
CA VAL B 53 -0.28 17.40 7.92
C VAL B 53 -0.83 18.82 7.94
N VAL B 54 -1.33 19.25 6.80
CA VAL B 54 -1.87 20.64 6.64
C VAL B 54 -3.36 20.59 6.93
N ASN B 55 -3.80 21.38 7.90
CA ASN B 55 -5.23 21.58 8.18
C ASN B 55 -6.05 20.29 8.00
N PRO B 56 -5.77 19.26 8.80
CA PRO B 56 -6.52 18.01 8.66
C PRO B 56 -8.00 18.21 8.91
N LYS B 57 -8.80 17.57 8.08
CA LYS B 57 -10.24 17.50 8.29
C LYS B 57 -10.65 16.22 9.04
N ALA B 58 -9.94 15.14 8.83
CA ALA B 58 -10.09 13.92 9.61
C ALA B 58 -10.00 14.18 11.11
N ASP B 59 -10.73 13.40 11.88
CA ASP B 59 -10.60 13.37 13.32
C ASP B 59 -9.36 12.59 13.70
N ILE B 60 -8.40 13.28 14.28
CA ILE B 60 -7.11 12.64 14.62
C ILE B 60 -7.26 11.60 15.72
N ASN B 61 -8.18 11.82 16.63
CA ASN B 61 -8.39 10.83 17.68
C ASN B 61 -8.91 9.52 17.09
N GLU B 62 -9.80 9.60 16.11
CA GLU B 62 -10.26 8.41 15.42
C GLU B 62 -9.15 7.79 14.57
N ALA B 63 -8.32 8.60 13.94
CA ALA B 63 -7.20 8.10 13.16
C ALA B 63 -6.27 7.19 13.92
N ILE B 64 -6.10 7.49 15.20
CA ILE B 64 -5.22 6.70 16.03
C ILE B 64 -5.66 5.23 16.04
N LYS B 65 -6.96 4.96 15.96
CA LYS B 65 -7.45 3.57 15.96
C LYS B 65 -6.97 2.77 14.74
N PHE B 66 -6.59 3.42 13.65
CA PHE B 66 -6.14 2.79 12.43
C PHE B 66 -4.63 2.78 12.31
N SER B 67 -3.92 3.28 13.32
CA SER B 67 -2.52 3.54 13.17
C SER B 67 -1.57 2.46 13.70
N ALA B 68 -2.07 1.49 14.46
CA ALA B 68 -1.22 0.45 15.05
C ALA B 68 -0.05 1.13 15.74
N LYS B 69 1.17 0.68 15.50
CA LYS B 69 2.30 1.33 16.18
C LYS B 69 2.63 2.72 15.61
N GLY B 70 1.97 3.10 14.55
CA GLY B 70 2.00 4.48 14.08
C GLY B 70 1.33 5.46 15.01
N SER B 71 0.72 5.00 16.10
CA SER B 71 0.19 5.94 17.04
C SER B 71 1.31 6.85 17.61
N GLU B 72 2.49 6.29 17.75
CA GLU B 72 3.62 7.04 18.23
C GLU B 72 4.00 8.17 17.27
N VAL B 73 3.85 7.91 15.98
CA VAL B 73 4.07 8.91 14.92
C VAL B 73 3.09 10.04 15.07
N ILE B 74 1.81 9.74 15.23
CA ILE B 74 0.81 10.75 15.42
C ILE B 74 1.10 11.60 16.63
N GLU B 75 1.57 10.98 17.71
CA GLU B 75 1.74 11.67 18.99
C GLU B 75 3.04 12.44 19.15
N LYS B 76 4.10 12.00 18.50
CA LYS B 76 5.41 12.61 18.71
C LYS B 76 5.97 13.29 17.48
N MET B 77 5.71 12.76 16.30
N MET B 77 5.71 12.75 16.30
CA MET B 77 6.33 13.22 15.06
CA MET B 77 6.35 13.22 15.07
C MET B 77 5.47 14.20 14.30
C MET B 77 5.47 14.16 14.26
N MET B 78 4.18 13.92 14.18
CA MET B 78 3.33 14.61 13.28
C MET B 78 3.27 16.10 13.64
N LYS B 79 3.49 16.93 12.63
CA LYS B 79 3.37 18.37 12.76
C LYS B 79 2.13 18.77 12.04
N ILE B 80 1.31 19.58 12.69
CA ILE B 80 0.08 20.04 12.10
C ILE B 80 0.25 21.54 11.85
N THR B 81 0.03 21.89 10.54
CA THR B 81 0.20 23.33 10.13
C THR B 81 -1.16 23.84 9.69
N ASN B 82 -1.40 25.16 9.71
CA ASN B 82 -2.63 25.68 9.19
C ASN B 82 -2.51 26.06 7.74
N ASN B 83 -1.31 26.31 7.28
CA ASN B 83 -1.08 26.67 5.91
C ASN B 83 0.03 25.87 5.24
N PHE B 84 -0.06 25.76 3.94
CA PHE B 84 0.84 24.93 3.17
C PHE B 84 2.29 25.41 3.26
N ASP B 85 2.54 26.72 3.18
CA ASP B 85 3.93 27.23 3.18
C ASP B 85 4.70 26.77 4.40
N ASP B 86 4.02 26.65 5.55
CA ASP B 86 4.65 26.26 6.79
C ASP B 86 5.02 24.80 6.82
N ALA B 87 4.55 24.02 5.86
CA ALA B 87 4.90 22.57 5.77
C ALA B 87 6.08 22.29 4.86
N ILE B 88 6.50 23.30 4.10
CA ILE B 88 7.48 23.05 3.05
C ILE B 88 8.72 23.93 3.20
N ARG B 89 8.93 24.49 4.38
CA ARG B 89 10.14 25.28 4.67
C ARG B 89 11.35 24.39 4.84
N ASP B 90 12.52 24.91 4.46
CA ASP B 90 13.79 24.30 4.78
C ASP B 90 13.96 22.91 4.14
N VAL B 91 13.52 22.76 2.90
CA VAL B 91 13.84 21.57 2.12
C VAL B 91 14.50 21.98 0.81
N ASP B 92 15.17 21.02 0.20
CA ASP B 92 15.87 21.26 -1.04
C ASP B 92 14.98 21.07 -2.26
N LEU B 93 13.98 20.20 -2.16
CA LEU B 93 13.18 19.81 -3.31
C LEU B 93 11.80 19.44 -2.84
N LYS B 94 10.78 19.80 -3.64
CA LYS B 94 9.41 19.45 -3.35
C LYS B 94 8.87 18.65 -4.52
N ILE B 95 8.33 17.46 -4.22
CA ILE B 95 7.76 16.57 -5.21
C ILE B 95 6.29 16.37 -4.90
N ALA B 96 5.43 16.94 -5.73
CA ALA B 96 3.99 16.72 -5.61
C ALA B 96 3.60 15.44 -6.32
N THR B 97 2.41 14.94 -6.02
CA THR B 97 1.94 13.68 -6.58
C THR B 97 0.56 13.87 -7.15
N SER B 98 0.28 13.15 -8.22
CA SER B 98 -1.06 13.14 -8.80
C SER B 98 -1.16 11.90 -9.68
N SER B 99 -2.37 11.37 -9.86
CA SER B 99 -2.56 10.36 -10.89
C SER B 99 -2.52 10.99 -12.27
N ILE B 100 -2.31 10.17 -13.28
CA ILE B 100 -2.24 10.66 -14.67
C ILE B 100 -3.51 11.32 -15.08
N ALA B 101 -4.62 10.97 -14.51
CA ALA B 101 -5.90 11.56 -14.86
C ALA B 101 -5.94 13.08 -14.67
N ASP B 102 -5.28 13.57 -13.63
CA ASP B 102 -5.25 14.99 -13.33
C ASP B 102 -3.90 15.60 -13.72
N SER B 111 6.57 16.11 -15.03
CA SER B 111 6.02 14.85 -14.52
C SER B 111 7.01 13.69 -14.62
N ILE B 112 7.13 12.98 -13.51
CA ILE B 112 8.11 11.92 -13.31
C ILE B 112 7.41 10.67 -12.78
N ARG B 113 8.16 9.58 -12.73
CA ARG B 113 7.67 8.31 -12.26
C ARG B 113 8.57 7.84 -11.12
N PRO B 114 8.12 6.86 -10.35
CA PRO B 114 8.90 6.46 -9.19
C PRO B 114 10.33 6.06 -9.49
N ILE B 115 10.56 5.53 -10.70
CA ILE B 115 11.91 5.12 -11.09
C ILE B 115 12.87 6.29 -11.27
N ASP B 116 12.32 7.50 -11.37
CA ASP B 116 13.15 8.70 -11.51
C ASP B 116 13.67 9.20 -10.17
N LEU B 117 13.12 8.70 -9.08
CA LEU B 117 13.29 9.36 -7.79
C LEU B 117 14.74 9.28 -7.31
N GLU B 118 15.36 8.11 -7.39
CA GLU B 118 16.70 7.94 -6.81
C GLU B 118 17.68 9.02 -7.27
N ARG B 119 17.67 9.31 -8.57
CA ARG B 119 18.58 10.30 -9.14
C ARG B 119 18.27 11.73 -8.67
N LEU B 120 16.99 12.08 -8.57
CA LEU B 120 16.59 13.43 -8.18
C LEU B 120 16.84 13.75 -6.71
N ILE B 121 16.71 12.75 -5.83
CA ILE B 121 16.66 13.02 -4.40
C ILE B 121 17.96 12.72 -3.66
N LYS B 122 18.95 12.19 -4.37
CA LYS B 122 20.24 11.86 -3.79
C LYS B 122 20.86 13.05 -3.04
N ASP B 123 21.21 12.80 -1.78
CA ASP B 123 21.83 13.84 -0.94
C ASP B 123 21.02 15.12 -0.87
N LYS B 124 19.70 14.97 -0.77
CA LYS B 124 18.81 16.12 -0.62
C LYS B 124 17.81 15.88 0.50
N LYS B 125 17.35 16.97 1.08
CA LYS B 125 16.15 16.96 1.89
C LYS B 125 14.96 17.24 1.02
N VAL B 126 14.04 16.29 0.96
CA VAL B 126 12.96 16.32 0.00
C VAL B 126 11.62 16.19 0.68
N ALA B 127 10.66 17.00 0.27
CA ALA B 127 9.29 16.87 0.68
C ALA B 127 8.45 16.20 -0.41
N PHE B 128 7.70 15.17 -0.04
CA PHE B 128 6.74 14.54 -0.91
C PHE B 128 5.36 14.96 -0.47
N ILE B 129 4.60 15.51 -1.41
CA ILE B 129 3.32 16.14 -1.12
C ILE B 129 2.18 15.35 -1.73
N PHE B 130 1.22 15.00 -0.90
CA PHE B 130 0.05 14.25 -1.33
C PHE B 130 -1.21 15.06 -1.01
N GLY B 131 -2.19 14.97 -1.90
CA GLY B 131 -3.37 15.78 -1.81
C GLY B 131 -4.59 15.13 -1.16
N ARG B 132 -5.69 15.87 -1.26
CA ARG B 132 -6.94 15.58 -0.60
C ARG B 132 -7.66 14.43 -1.32
N GLU B 133 -8.33 13.56 -0.55
CA GLU B 133 -9.08 12.48 -1.21
C GLU B 133 -10.08 13.00 -2.23
N SER B 134 -10.79 14.07 -1.90
CA SER B 134 -11.86 14.56 -2.78
C SER B 134 -11.33 15.30 -4.01
N VAL B 135 -10.27 16.08 -3.85
CA VAL B 135 -9.92 17.09 -4.86
C VAL B 135 -8.44 17.20 -5.15
N GLY B 136 -7.56 16.41 -4.54
CA GLY B 136 -6.17 16.50 -4.83
C GLY B 136 -5.54 17.79 -4.31
N LEU B 137 -4.71 18.41 -5.16
CA LEU B 137 -3.90 19.60 -4.77
C LEU B 137 -4.42 20.86 -5.50
N THR B 138 -4.18 22.01 -4.90
CA THR B 138 -4.50 23.28 -5.50
C THR B 138 -3.39 23.74 -6.44
N ARG B 139 -3.68 24.79 -7.21
CA ARG B 139 -2.65 25.38 -8.05
C ARG B 139 -1.45 25.85 -7.27
N GLU B 140 -1.67 26.45 -6.10
CA GLU B 140 -0.57 26.89 -5.26
C GLU B 140 0.35 25.74 -4.96
N GLU B 141 -0.23 24.64 -4.51
CA GLU B 141 0.55 23.53 -4.06
C GLU B 141 1.41 22.97 -5.20
N ILE B 142 0.84 22.89 -6.40
CA ILE B 142 1.58 22.45 -7.58
C ILE B 142 2.64 23.47 -8.04
N ALA B 143 2.31 24.75 -7.94
CA ALA B 143 3.26 25.80 -8.33
C ALA B 143 4.51 25.76 -7.46
N LYS B 144 4.35 25.40 -6.19
CA LYS B 144 5.40 25.42 -5.21
C LYS B 144 6.19 24.10 -5.22
N SER B 145 5.85 23.19 -6.14
N SER B 145 5.86 23.22 -6.17
CA SER B 145 6.55 21.91 -6.26
CA SER B 145 6.56 21.93 -6.33
C SER B 145 7.47 21.89 -7.50
C SER B 145 7.54 21.98 -7.48
N ASP B 146 8.62 21.22 -7.37
CA ASP B 146 9.64 21.14 -8.39
C ASP B 146 9.38 20.06 -9.45
N PHE B 147 8.72 18.97 -9.02
CA PHE B 147 8.35 17.86 -9.89
C PHE B 147 6.97 17.39 -9.52
N LEU B 148 6.34 16.69 -10.46
CA LEU B 148 5.03 16.08 -10.24
C LEU B 148 5.20 14.60 -10.55
N LEU B 149 5.02 13.75 -9.53
CA LEU B 149 5.19 12.31 -9.63
C LEU B 149 3.81 11.62 -9.81
N PHE B 150 3.75 10.73 -10.79
CA PHE B 150 2.60 9.85 -10.92
C PHE B 150 3.04 8.41 -10.78
N ILE B 151 2.21 7.65 -10.08
CA ILE B 151 2.33 6.19 -10.01
C ILE B 151 1.56 5.61 -11.18
N PRO B 152 2.26 4.91 -12.10
CA PRO B 152 1.58 4.27 -13.21
C PRO B 152 0.57 3.21 -12.75
N ALA B 153 -0.62 3.26 -13.35
CA ALA B 153 -1.67 2.31 -13.00
C ALA B 153 -2.60 2.18 -14.19
N ASN B 154 -3.68 1.42 -14.05
CA ASN B 154 -4.65 1.22 -15.10
C ASN B 154 -5.10 2.59 -15.63
N PRO B 155 -4.89 2.88 -16.93
CA PRO B 155 -5.30 4.18 -17.47
C PRO B 155 -6.79 4.43 -17.34
N GLU B 156 -7.58 3.35 -17.27
CA GLU B 156 -9.02 3.47 -17.10
C GLU B 156 -9.38 3.82 -15.67
N TYR B 157 -8.49 3.46 -14.74
CA TYR B 157 -8.72 3.74 -13.35
C TYR B 157 -7.44 3.95 -12.57
N PRO B 158 -6.83 5.13 -12.75
CA PRO B 158 -5.47 5.33 -12.30
C PRO B 158 -5.38 5.96 -10.93
N VAL B 159 -6.52 6.26 -10.32
CA VAL B 159 -6.54 6.98 -9.08
C VAL B 159 -6.52 5.99 -7.91
N LEU B 160 -5.45 6.02 -7.14
CA LEU B 160 -5.32 5.16 -5.95
C LEU B 160 -5.91 5.88 -4.75
N ASN B 161 -6.36 5.12 -3.77
CA ASN B 161 -6.65 5.71 -2.49
C ASN B 161 -5.36 6.37 -1.92
N LEU B 162 -5.57 7.49 -1.26
CA LEU B 162 -4.46 8.31 -0.75
C LEU B 162 -3.40 7.49 -0.02
N SER B 163 -3.80 6.70 0.98
CA SER B 163 -2.80 6.02 1.80
C SER B 163 -2.04 4.93 1.04
N HIS B 164 -2.70 4.36 0.04
CA HIS B 164 -2.05 3.35 -0.79
C HIS B 164 -1.03 3.96 -1.72
N ALA B 165 -1.32 5.15 -2.25
CA ALA B 165 -0.33 5.92 -3.01
C ALA B 165 0.87 6.27 -2.12
N VAL B 166 0.61 6.70 -0.89
CA VAL B 166 1.68 6.98 0.03
C VAL B 166 2.53 5.72 0.23
N GLY B 167 1.88 4.57 0.51
CA GLY B 167 2.63 3.37 0.77
C GLY B 167 3.54 2.98 -0.37
N ILE B 168 3.04 3.08 -1.60
CA ILE B 168 3.85 2.72 -2.76
C ILE B 168 5.10 3.62 -2.85
N VAL B 169 4.90 4.93 -2.69
CA VAL B 169 6.05 5.87 -2.76
C VAL B 169 7.05 5.61 -1.65
N LEU B 170 6.56 5.36 -0.43
CA LEU B 170 7.46 5.12 0.69
C LEU B 170 8.22 3.82 0.52
N TYR B 171 7.56 2.80 -0.06
CA TYR B 171 8.23 1.56 -0.39
C TYR B 171 9.34 1.78 -1.42
N GLU B 172 9.04 2.55 -2.47
CA GLU B 172 10.05 2.84 -3.46
C GLU B 172 11.26 3.55 -2.83
N LEU B 173 11.02 4.50 -1.93
CA LEU B 173 12.10 5.20 -1.23
C LEU B 173 12.92 4.24 -0.35
N TRP B 174 12.25 3.30 0.31
CA TRP B 174 12.93 2.34 1.15
C TRP B 174 13.88 1.47 0.35
N ARG B 175 13.41 1.04 -0.81
CA ARG B 175 14.24 0.26 -1.73
C ARG B 175 15.53 0.95 -2.06
N ASN B 176 15.55 2.28 -1.99
CA ASN B 176 16.74 3.06 -2.28
C ASN B 176 17.64 3.22 -1.06
#